data_2VI7
#
_entry.id   2VI7
#
_cell.length_a   79.709
_cell.length_b   110.928
_cell.length_c   134.477
_cell.angle_alpha   90.00
_cell.angle_beta   90.00
_cell.angle_gamma   90.00
#
_symmetry.space_group_name_H-M   'I 2 2 2'
#
loop_
_entity.id
_entity.type
_entity.pdbx_description
1 polymer 'ACETYLTRANSFERASE PA1377'
2 non-polymer GLYCEROL
3 non-polymer 'SULFATE ION'
4 non-polymer 'AZIDE ION'
5 water water
#
_entity_poly.entity_id   1
_entity_poly.type   'polypeptide(L)'
_entity_poly.pdbx_seq_one_letter_code
;MTAESPTIRLERYSERHVEGLTALYNDPAVARQVLQMPYQSVEQRRKRLHDSADDDRLLILVALHQGDVIGSASLEQHPR
IRRSHSGSIGMGVAVAWQGKGVGSRLLGELLDIADNWMNLRRVELTVYTDNAPALALYRKFGFETEGEMRDYAVRDGRFV
DVYSMARLRRVEGRVGE
;
_entity_poly.pdbx_strand_id   A,B,C
#
# COMPACT_ATOMS: atom_id res chain seq x y z
N THR A 7 -2.25 -0.32 -28.73
CA THR A 7 -1.45 0.83 -28.21
C THR A 7 -0.47 0.37 -27.14
N ILE A 8 -0.98 0.01 -25.96
CA ILE A 8 -0.13 -0.45 -24.87
C ILE A 8 0.00 -1.99 -24.93
N ARG A 9 1.24 -2.45 -25.08
CA ARG A 9 1.54 -3.88 -25.14
C ARG A 9 2.21 -4.30 -23.85
N LEU A 10 1.75 -5.40 -23.25
CA LEU A 10 2.36 -5.91 -22.03
C LEU A 10 3.22 -7.09 -22.43
N GLU A 11 4.42 -7.15 -21.87
CA GLU A 11 5.31 -8.24 -22.20
C GLU A 11 6.19 -8.59 -21.02
N ARG A 12 6.63 -9.85 -20.99
CA ARG A 12 7.49 -10.32 -19.93
C ARG A 12 8.86 -9.62 -20.03
N TYR A 13 9.30 -9.07 -18.91
CA TYR A 13 10.58 -8.38 -18.86
C TYR A 13 11.73 -9.34 -19.16
N SER A 14 12.44 -9.04 -20.25
CA SER A 14 13.58 -9.84 -20.67
C SER A 14 14.72 -8.91 -21.14
N GLU A 15 15.88 -9.50 -21.41
CA GLU A 15 17.05 -8.75 -21.84
C GLU A 15 16.80 -7.66 -22.86
N ARG A 16 15.90 -7.95 -23.80
N ARG A 16 15.90 -7.95 -23.80
CA ARG A 16 15.55 -7.01 -24.85
CA ARG A 16 15.58 -7.00 -24.85
C ARG A 16 15.07 -5.68 -24.28
C ARG A 16 15.09 -5.67 -24.27
N HIS A 17 14.47 -5.74 -23.09
CA HIS A 17 13.92 -4.54 -22.43
C HIS A 17 14.80 -3.77 -21.43
N VAL A 18 15.88 -4.40 -20.95
CA VAL A 18 16.77 -3.76 -19.96
C VAL A 18 17.11 -2.29 -20.22
N GLU A 19 17.26 -1.91 -21.48
CA GLU A 19 17.60 -0.53 -21.79
C GLU A 19 16.42 0.40 -21.51
N GLY A 20 15.24 0.00 -21.98
CA GLY A 20 14.04 0.80 -21.78
C GLY A 20 13.59 0.86 -20.32
N LEU A 21 13.75 -0.25 -19.62
CA LEU A 21 13.35 -0.30 -18.21
C LEU A 21 14.25 0.60 -17.36
N THR A 22 15.54 0.59 -17.69
CA THR A 22 16.53 1.40 -16.99
C THR A 22 16.19 2.88 -17.16
N ALA A 23 15.79 3.25 -18.38
CA ALA A 23 15.42 4.63 -18.67
C ALA A 23 14.18 5.01 -17.86
N LEU A 24 13.26 4.06 -17.71
CA LEU A 24 12.03 4.29 -16.97
C LEU A 24 12.34 4.78 -15.55
N TYR A 25 13.19 4.05 -14.85
CA TYR A 25 13.57 4.37 -13.49
C TYR A 25 14.49 5.58 -13.38
N ASN A 26 15.08 5.99 -14.50
CA ASN A 26 15.98 7.15 -14.50
C ASN A 26 15.17 8.43 -14.46
N ASP A 27 13.85 8.32 -14.56
CA ASP A 27 12.99 9.50 -14.46
C ASP A 27 12.69 9.60 -12.96
N PRO A 28 13.22 10.66 -12.30
CA PRO A 28 13.00 10.84 -10.86
C PRO A 28 11.53 10.86 -10.42
N ALA A 29 10.64 11.29 -11.32
CA ALA A 29 9.22 11.33 -11.01
C ALA A 29 8.66 9.92 -10.88
N VAL A 30 9.31 8.97 -11.57
CA VAL A 30 8.91 7.58 -11.53
C VAL A 30 9.61 6.88 -10.37
N ALA A 31 10.92 7.03 -10.31
CA ALA A 31 11.72 6.40 -9.26
C ALA A 31 11.33 6.82 -7.85
N ARG A 32 10.93 8.08 -7.67
CA ARG A 32 10.60 8.55 -6.32
C ARG A 32 9.33 7.97 -5.71
N GLN A 33 8.42 7.47 -6.54
CA GLN A 33 7.18 6.90 -6.01
C GLN A 33 7.27 5.40 -5.71
N VAL A 34 8.46 4.84 -5.90
CA VAL A 34 8.75 3.43 -5.61
C VAL A 34 10.01 3.47 -4.73
N LEU A 35 10.85 2.42 -4.78
CA LEU A 35 12.06 2.39 -3.96
C LEU A 35 13.33 2.31 -4.78
N GLN A 36 13.19 2.48 -6.09
CA GLN A 36 14.31 2.43 -7.03
C GLN A 36 15.23 3.65 -6.91
N MET A 37 16.45 3.49 -7.39
CA MET A 37 17.45 4.55 -7.39
C MET A 37 17.66 5.02 -8.82
N PRO A 38 17.90 6.33 -9.03
CA PRO A 38 18.11 6.78 -10.40
C PRO A 38 19.52 6.42 -10.89
N TYR A 39 19.83 6.80 -12.12
CA TYR A 39 21.13 6.52 -12.72
C TYR A 39 21.57 5.07 -12.62
N GLN A 40 20.62 4.15 -12.83
CA GLN A 40 20.97 2.75 -12.84
C GLN A 40 21.52 2.53 -14.24
N SER A 41 22.37 1.52 -14.39
CA SER A 41 22.97 1.24 -15.69
C SER A 41 22.55 -0.12 -16.23
N VAL A 42 22.31 -0.17 -17.53
CA VAL A 42 21.93 -1.40 -18.19
C VAL A 42 22.83 -2.55 -17.68
N GLU A 43 24.03 -2.18 -17.24
CA GLU A 43 25.03 -3.12 -16.74
C GLU A 43 24.62 -4.08 -15.63
N GLN A 44 24.33 -3.55 -14.43
CA GLN A 44 23.97 -4.41 -13.31
C GLN A 44 22.62 -5.13 -13.44
N ARG A 45 21.69 -4.53 -14.19
CA ARG A 45 20.38 -5.13 -14.39
C ARG A 45 20.50 -6.46 -15.13
N ARG A 46 21.25 -6.43 -16.24
CA ARG A 46 21.47 -7.61 -17.06
C ARG A 46 22.00 -8.78 -16.23
N LYS A 47 22.92 -8.48 -15.33
CA LYS A 47 23.49 -9.51 -14.46
C LYS A 47 22.38 -10.06 -13.54
N ARG A 48 21.41 -9.19 -13.25
CA ARG A 48 20.29 -9.53 -12.39
C ARG A 48 19.27 -10.40 -13.14
N LEU A 49 18.87 -9.94 -14.32
CA LEU A 49 17.92 -10.66 -15.15
C LEU A 49 18.45 -12.00 -15.68
N HIS A 50 19.43 -11.91 -16.58
CA HIS A 50 20.06 -13.08 -17.21
C HIS A 50 20.61 -14.19 -16.29
N ASP A 51 20.28 -14.12 -15.01
CA ASP A 51 20.71 -15.11 -14.05
C ASP A 51 19.89 -14.84 -12.79
N SER A 52 18.57 -14.78 -12.94
CA SER A 52 17.65 -14.51 -11.82
C SER A 52 16.27 -14.15 -12.37
N ASP A 54 15.93 -18.61 -12.66
CA ASP A 54 14.63 -18.22 -13.22
C ASP A 54 13.52 -19.06 -12.56
N ASP A 55 12.63 -18.37 -11.83
CA ASP A 55 11.54 -19.03 -11.14
C ASP A 55 10.18 -18.58 -11.67
N ASP A 56 9.21 -19.49 -11.67
CA ASP A 56 7.85 -19.16 -12.12
C ASP A 56 7.16 -18.30 -11.06
N ARG A 57 7.84 -18.13 -9.93
CA ARG A 57 7.34 -17.34 -8.80
C ARG A 57 7.40 -15.82 -9.04
N LEU A 58 8.42 -15.36 -9.73
CA LEU A 58 8.59 -13.94 -10.00
C LEU A 58 8.15 -13.60 -11.41
N LEU A 59 7.15 -12.73 -11.52
CA LEU A 59 6.68 -12.29 -12.82
C LEU A 59 6.88 -10.80 -12.92
N ILE A 60 7.65 -10.38 -13.92
CA ILE A 60 7.89 -8.96 -14.13
C ILE A 60 7.37 -8.59 -15.51
N LEU A 61 6.53 -7.57 -15.55
CA LEU A 61 5.96 -7.09 -16.79
C LEU A 61 6.41 -5.68 -17.11
N VAL A 62 6.45 -5.37 -18.39
CA VAL A 62 6.80 -4.05 -18.86
C VAL A 62 5.68 -3.65 -19.78
N ALA A 63 5.26 -2.39 -19.68
CA ALA A 63 4.20 -1.88 -20.53
C ALA A 63 4.93 -1.15 -21.64
N LEU A 64 4.56 -1.46 -22.88
CA LEU A 64 5.21 -0.86 -24.05
C LEU A 64 4.27 -0.09 -24.96
N HIS A 65 4.81 0.98 -25.53
CA HIS A 65 4.07 1.80 -26.48
C HIS A 65 5.07 2.09 -27.58
N GLN A 66 4.80 1.64 -28.80
CA GLN A 66 5.75 1.87 -29.90
C GLN A 66 7.17 1.46 -29.44
N GLY A 67 7.29 0.30 -28.77
CA GLY A 67 8.60 -0.16 -28.35
C GLY A 67 9.31 0.54 -27.19
N ASP A 68 8.70 1.58 -26.63
CA ASP A 68 9.30 2.29 -25.49
C ASP A 68 8.70 1.80 -24.17
N VAL A 69 9.55 1.48 -23.19
CA VAL A 69 9.07 1.04 -21.89
C VAL A 69 8.49 2.23 -21.14
N ILE A 70 7.16 2.26 -21.02
CA ILE A 70 6.48 3.36 -20.33
C ILE A 70 5.95 2.95 -18.97
N GLY A 71 6.21 1.71 -18.57
CA GLY A 71 5.73 1.25 -17.29
C GLY A 71 6.17 -0.14 -16.92
N SER A 72 6.08 -0.47 -15.65
CA SER A 72 6.49 -1.78 -15.19
C SER A 72 5.90 -2.13 -13.84
N ALA A 73 5.82 -3.42 -13.56
CA ALA A 73 5.27 -3.93 -12.29
C ALA A 73 5.66 -5.40 -12.16
N SER A 74 5.79 -5.87 -10.94
CA SER A 74 6.18 -7.25 -10.71
C SER A 74 5.37 -7.93 -9.61
N LEU A 75 5.14 -9.22 -9.78
CA LEU A 75 4.42 -10.05 -8.83
C LEU A 75 5.35 -11.19 -8.44
N GLU A 76 5.54 -11.39 -7.14
CA GLU A 76 6.39 -12.47 -6.65
C GLU A 76 5.76 -13.29 -5.54
N GLN A 77 5.52 -14.56 -5.83
CA GLN A 77 4.95 -15.47 -4.85
C GLN A 77 6.00 -15.63 -3.78
N HIS A 78 5.61 -15.51 -2.51
CA HIS A 78 6.58 -15.63 -1.45
C HIS A 78 7.26 -17.00 -1.48
N PRO A 79 8.60 -17.03 -1.33
CA PRO A 79 9.41 -18.26 -1.33
C PRO A 79 9.19 -19.23 -0.18
N ARG A 80 8.76 -18.74 0.98
CA ARG A 80 8.53 -19.61 2.11
C ARG A 80 7.22 -20.37 1.97
N ILE A 81 7.26 -21.66 2.24
CA ILE A 81 6.08 -22.50 2.13
C ILE A 81 4.88 -21.95 2.90
N ARG A 82 5.09 -21.53 4.15
CA ARG A 82 3.99 -21.04 4.96
C ARG A 82 3.48 -19.64 4.59
N ARG A 83 4.06 -19.04 3.55
CA ARG A 83 3.66 -17.72 3.07
C ARG A 83 3.37 -17.77 1.58
N SER A 84 3.65 -18.91 0.97
CA SER A 84 3.48 -19.09 -0.48
C SER A 84 2.07 -18.92 -1.03
N HIS A 85 1.08 -18.76 -0.15
CA HIS A 85 -0.29 -18.54 -0.61
C HIS A 85 -0.41 -17.05 -0.93
N SER A 86 0.66 -16.29 -0.63
CA SER A 86 0.67 -14.85 -0.87
C SER A 86 1.73 -14.45 -1.88
N GLY A 87 1.59 -13.23 -2.37
CA GLY A 87 2.53 -12.69 -3.34
C GLY A 87 2.66 -11.22 -3.06
N SER A 88 3.73 -10.61 -3.55
CA SER A 88 3.94 -9.19 -3.34
C SER A 88 4.22 -8.46 -4.62
N ILE A 89 3.74 -7.22 -4.72
CA ILE A 89 3.99 -6.40 -5.88
C ILE A 89 4.80 -5.17 -5.44
N GLY A 90 5.46 -5.28 -4.28
CA GLY A 90 6.28 -4.21 -3.73
C GLY A 90 5.60 -2.87 -3.58
N MET A 91 6.25 -1.81 -4.05
CA MET A 91 5.69 -0.45 -3.98
C MET A 91 4.66 -0.29 -5.10
N GLY A 92 4.42 -1.39 -5.78
CA GLY A 92 3.43 -1.41 -6.85
C GLY A 92 3.87 -1.10 -8.26
N VAL A 93 2.99 -0.37 -8.94
CA VAL A 93 3.12 0.01 -10.32
C VAL A 93 4.02 1.25 -10.56
N ALA A 94 5.02 1.10 -11.45
CA ALA A 94 5.95 2.18 -11.79
C ALA A 94 5.56 2.70 -13.16
N VAL A 95 4.89 3.85 -13.20
CA VAL A 95 4.41 4.41 -14.47
C VAL A 95 4.92 5.80 -14.85
N ALA A 96 5.27 5.93 -16.12
CA ALA A 96 5.75 7.19 -16.69
C ALA A 96 4.56 8.13 -16.85
N TRP A 97 3.54 7.65 -17.55
CA TRP A 97 2.31 8.41 -17.80
C TRP A 97 1.27 8.17 -16.71
N GLN A 98 1.05 9.16 -15.87
CA GLN A 98 0.06 9.03 -14.82
C GLN A 98 -1.27 9.47 -15.45
N GLY A 99 -2.33 8.72 -15.20
CA GLY A 99 -3.63 9.06 -15.76
C GLY A 99 -3.93 8.45 -17.13
N LYS A 100 -2.90 8.00 -17.83
CA LYS A 100 -3.07 7.40 -19.15
C LYS A 100 -3.46 5.90 -19.16
N GLY A 101 -3.76 5.35 -17.99
CA GLY A 101 -4.17 3.94 -17.93
C GLY A 101 -3.09 2.86 -17.97
N VAL A 102 -1.84 3.25 -17.78
CA VAL A 102 -0.77 2.28 -17.80
C VAL A 102 -0.77 1.46 -16.51
N GLY A 103 -1.04 2.11 -15.39
CA GLY A 103 -1.07 1.42 -14.11
C GLY A 103 -2.13 0.34 -14.01
N SER A 104 -3.36 0.68 -14.37
N SER A 104 -3.37 0.69 -14.36
CA SER A 104 -4.46 -0.28 -14.30
CA SER A 104 -4.47 -0.27 -14.32
C SER A 104 -4.22 -1.46 -15.23
C SER A 104 -4.21 -1.46 -15.23
N ARG A 105 -3.62 -1.19 -16.39
CA ARG A 105 -3.31 -2.21 -17.37
C ARG A 105 -2.37 -3.25 -16.76
N LEU A 106 -1.26 -2.75 -16.22
CA LEU A 106 -0.26 -3.59 -15.60
C LEU A 106 -0.80 -4.35 -14.38
N LEU A 107 -1.45 -3.64 -13.47
CA LEU A 107 -1.97 -4.24 -12.25
C LEU A 107 -3.07 -5.27 -12.51
N GLY A 108 -4.03 -4.91 -13.35
CA GLY A 108 -5.10 -5.82 -13.68
C GLY A 108 -4.56 -7.13 -14.19
N GLU A 109 -3.49 -7.07 -14.98
CA GLU A 109 -2.89 -8.25 -15.56
C GLU A 109 -2.09 -9.08 -14.55
N LEU A 110 -1.42 -8.43 -13.60
CA LEU A 110 -0.68 -9.17 -12.58
C LEU A 110 -1.66 -9.91 -11.68
N LEU A 111 -2.82 -9.28 -11.44
CA LEU A 111 -3.86 -9.86 -10.60
C LEU A 111 -4.56 -11.02 -11.29
N ASP A 112 -4.57 -11.01 -12.62
CA ASP A 112 -5.17 -12.09 -13.39
C ASP A 112 -4.27 -13.31 -13.19
N ILE A 113 -2.95 -13.08 -13.25
CA ILE A 113 -1.98 -14.15 -13.06
C ILE A 113 -2.06 -14.67 -11.63
N ALA A 114 -2.17 -13.76 -10.67
CA ALA A 114 -2.25 -14.10 -9.26
C ALA A 114 -3.50 -14.90 -8.95
N ASP A 115 -4.63 -14.47 -9.49
CA ASP A 115 -5.90 -15.13 -9.23
C ASP A 115 -6.12 -16.41 -10.01
N ASN A 116 -6.04 -16.32 -11.32
CA ASN A 116 -6.35 -17.44 -12.19
C ASN A 116 -5.28 -18.44 -12.53
N TRP A 117 -4.03 -18.10 -12.30
CA TRP A 117 -2.98 -19.04 -12.63
C TRP A 117 -2.20 -19.46 -11.39
N MET A 118 -1.86 -18.51 -10.53
CA MET A 118 -1.11 -18.87 -9.34
C MET A 118 -2.06 -19.26 -8.22
N ASN A 119 -3.30 -18.79 -8.31
CA ASN A 119 -4.33 -19.07 -7.31
C ASN A 119 -3.87 -18.57 -5.94
N LEU A 120 -3.34 -17.35 -5.89
CA LEU A 120 -2.87 -16.76 -4.64
C LEU A 120 -4.06 -16.27 -3.84
N ARG A 121 -3.98 -16.39 -2.53
CA ARG A 121 -5.05 -15.95 -1.64
C ARG A 121 -4.82 -14.52 -1.15
N ARG A 122 -3.58 -14.06 -1.20
CA ARG A 122 -3.24 -12.74 -0.70
C ARG A 122 -2.18 -12.05 -1.55
N VAL A 123 -2.41 -10.79 -1.89
CA VAL A 123 -1.43 -10.02 -2.64
C VAL A 123 -1.17 -8.78 -1.81
N GLU A 124 0.12 -8.49 -1.59
CA GLU A 124 0.54 -7.38 -0.75
C GLU A 124 1.30 -6.27 -1.48
N LEU A 125 1.17 -5.06 -0.97
CA LEU A 125 1.85 -3.91 -1.56
C LEU A 125 1.99 -2.80 -0.52
N THR A 126 2.81 -1.80 -0.82
CA THR A 126 2.99 -0.67 0.06
C THR A 126 2.92 0.50 -0.89
N VAL A 127 2.41 1.63 -0.42
CA VAL A 127 2.27 2.81 -1.26
C VAL A 127 2.43 4.04 -0.35
N TYR A 128 3.09 5.07 -0.84
CA TYR A 128 3.28 6.29 -0.04
C TYR A 128 1.95 6.89 0.33
N THR A 129 1.77 7.25 1.60
CA THR A 129 0.51 7.79 2.10
C THR A 129 -0.07 9.01 1.36
N ASP A 130 0.77 9.77 0.67
CA ASP A 130 0.29 10.96 -0.03
C ASP A 130 0.15 10.77 -1.55
N ASN A 131 0.30 9.53 -2.02
CA ASN A 131 0.17 9.23 -3.44
C ASN A 131 -1.28 8.82 -3.71
N ALA A 132 -2.14 9.84 -3.88
CA ALA A 132 -3.56 9.64 -4.12
C ALA A 132 -3.93 8.82 -5.35
N PRO A 133 -3.43 9.18 -6.53
CA PRO A 133 -3.81 8.36 -7.68
C PRO A 133 -3.46 6.85 -7.52
N ALA A 134 -2.30 6.53 -6.95
CA ALA A 134 -1.91 5.14 -6.77
C ALA A 134 -2.85 4.45 -5.79
N LEU A 135 -3.19 5.15 -4.71
CA LEU A 135 -4.07 4.62 -3.69
C LEU A 135 -5.43 4.31 -4.30
N ALA A 136 -5.88 5.21 -5.18
CA ALA A 136 -7.17 5.05 -5.84
C ALA A 136 -7.12 3.83 -6.75
N LEU A 137 -5.98 3.64 -7.41
CA LEU A 137 -5.79 2.52 -8.31
C LEU A 137 -5.83 1.17 -7.57
N TYR A 138 -5.08 1.07 -6.48
CA TYR A 138 -5.03 -0.16 -5.71
C TYR A 138 -6.38 -0.44 -5.06
N ARG A 139 -7.07 0.60 -4.63
CA ARG A 139 -8.40 0.44 -4.02
C ARG A 139 -9.40 -0.03 -5.09
N LYS A 140 -9.23 0.45 -6.32
CA LYS A 140 -10.09 0.06 -7.42
C LYS A 140 -10.01 -1.46 -7.62
N PHE A 141 -8.81 -2.03 -7.42
CA PHE A 141 -8.60 -3.47 -7.59
C PHE A 141 -8.78 -4.35 -6.35
N GLY A 142 -9.46 -3.81 -5.34
CA GLY A 142 -9.72 -4.58 -4.13
C GLY A 142 -8.72 -4.52 -2.99
N PHE A 143 -7.66 -3.73 -3.11
CA PHE A 143 -6.70 -3.64 -2.02
C PHE A 143 -7.26 -2.78 -0.91
N GLU A 144 -7.03 -3.21 0.33
CA GLU A 144 -7.50 -2.45 1.47
C GLU A 144 -6.30 -2.14 2.32
N THR A 145 -6.33 -1.00 3.00
CA THR A 145 -5.23 -0.59 3.87
C THR A 145 -5.23 -1.46 5.11
N GLU A 146 -4.07 -2.03 5.42
CA GLU A 146 -3.92 -2.89 6.58
C GLU A 146 -3.09 -2.22 7.66
N GLY A 147 -2.34 -1.19 7.27
CA GLY A 147 -1.52 -0.51 8.25
C GLY A 147 -0.81 0.69 7.66
N GLU A 148 -0.26 1.52 8.53
CA GLU A 148 0.47 2.71 8.15
C GLU A 148 1.85 2.62 8.80
N MET A 149 2.89 2.60 7.97
CA MET A 149 4.25 2.47 8.46
C MET A 149 5.05 3.77 8.38
N ARG A 150 5.40 4.30 9.56
CA ARG A 150 6.11 5.55 9.72
C ARG A 150 7.59 5.54 9.39
N ASP A 151 8.03 6.52 8.61
CA ASP A 151 9.43 6.63 8.22
C ASP A 151 9.88 5.33 7.60
N TYR A 152 9.03 4.80 6.72
CA TYR A 152 9.30 3.56 6.03
C TYR A 152 10.47 3.63 5.05
N ALA A 153 10.52 4.71 4.27
CA ALA A 153 11.56 4.88 3.28
C ALA A 153 11.97 6.32 3.09
N VAL A 154 13.03 6.52 2.33
CA VAL A 154 13.55 7.84 2.02
C VAL A 154 12.97 8.25 0.66
N ARG A 155 12.54 9.51 0.58
CA ARG A 155 12.02 10.08 -0.65
C ARG A 155 12.24 11.60 -0.52
N ASP A 156 12.85 12.19 -1.54
CA ASP A 156 13.14 13.64 -1.54
C ASP A 156 13.90 14.08 -0.29
N GLY A 157 14.86 13.26 0.14
CA GLY A 157 15.69 13.57 1.28
C GLY A 157 15.06 13.49 2.66
N ARG A 158 13.88 12.89 2.76
CA ARG A 158 13.22 12.78 4.05
C ARG A 158 12.53 11.43 4.19
N PHE A 159 12.25 11.05 5.42
CA PHE A 159 11.57 9.79 5.69
C PHE A 159 10.07 10.01 5.52
N VAL A 160 9.46 9.15 4.71
CA VAL A 160 8.05 9.25 4.42
C VAL A 160 7.33 7.99 4.89
N ASP A 161 6.02 8.08 5.02
CA ASP A 161 5.24 6.92 5.46
C ASP A 161 4.59 6.22 4.28
N VAL A 162 4.13 5.00 4.50
CA VAL A 162 3.46 4.24 3.46
C VAL A 162 2.28 3.52 4.08
N TYR A 163 1.34 3.15 3.23
CA TYR A 163 0.20 2.38 3.65
C TYR A 163 0.53 0.95 3.22
N SER A 164 0.35 0.00 4.12
CA SER A 164 0.59 -1.40 3.82
C SER A 164 -0.78 -1.92 3.40
N MET A 165 -0.91 -2.36 2.15
CA MET A 165 -2.19 -2.85 1.67
C MET A 165 -2.18 -4.31 1.24
N ALA A 166 -3.35 -4.93 1.24
CA ALA A 166 -3.48 -6.31 0.87
C ALA A 166 -4.81 -6.52 0.19
N ARG A 167 -4.84 -7.43 -0.78
CA ARG A 167 -6.05 -7.78 -1.51
C ARG A 167 -6.26 -9.26 -1.27
N LEU A 168 -7.37 -9.60 -0.62
CA LEU A 168 -7.69 -11.00 -0.31
C LEU A 168 -8.71 -11.62 -1.27
N ARG A 169 -8.50 -12.90 -1.53
CA ARG A 169 -9.34 -13.67 -2.42
C ARG A 169 -9.77 -14.93 -1.69
N ARG A 170 -10.99 -14.93 -1.18
CA ARG A 170 -11.50 -16.07 -0.41
C ARG A 170 -12.90 -16.52 -0.86
N PRO B 6 20.13 -18.29 36.79
CA PRO B 6 20.41 -18.78 35.40
C PRO B 6 21.31 -17.81 34.60
N THR B 7 22.50 -18.27 34.22
CA THR B 7 23.43 -17.45 33.46
C THR B 7 23.20 -17.67 31.96
N ILE B 8 22.87 -16.59 31.25
CA ILE B 8 22.62 -16.66 29.81
C ILE B 8 23.65 -15.87 29.01
N ARG B 9 24.48 -16.57 28.26
CA ARG B 9 25.48 -15.92 27.41
C ARG B 9 24.82 -15.68 26.07
N LEU B 10 25.19 -14.60 25.39
CA LEU B 10 24.66 -14.34 24.08
C LEU B 10 25.86 -14.44 23.18
N GLU B 11 25.68 -15.04 22.02
CA GLU B 11 26.78 -15.17 21.10
C GLU B 11 26.35 -15.10 19.67
N ARG B 12 27.29 -14.69 18.83
CA ARG B 12 27.01 -14.61 17.41
C ARG B 12 26.90 -16.07 16.96
N TYR B 13 25.81 -16.38 16.27
CA TYR B 13 25.55 -17.71 15.77
C TYR B 13 26.68 -18.15 14.84
N SER B 14 27.36 -19.24 15.21
CA SER B 14 28.44 -19.76 14.39
C SER B 14 28.43 -21.29 14.31
N GLU B 15 29.31 -21.83 13.47
CA GLU B 15 29.44 -23.26 13.23
C GLU B 15 29.13 -24.17 14.43
N ARG B 16 29.70 -23.84 15.58
N ARG B 16 29.70 -23.84 15.59
CA ARG B 16 29.49 -24.63 16.78
CA ARG B 16 29.48 -24.64 16.78
C ARG B 16 28.06 -24.61 17.31
C ARG B 16 28.05 -24.61 17.31
N HIS B 17 27.23 -23.70 16.78
CA HIS B 17 25.84 -23.59 17.24
C HIS B 17 24.79 -24.20 16.31
N VAL B 18 25.20 -24.58 15.10
CA VAL B 18 24.28 -25.15 14.13
C VAL B 18 23.41 -26.30 14.62
N GLU B 19 24.00 -27.21 15.38
CA GLU B 19 23.29 -28.36 15.93
C GLU B 19 22.18 -27.93 16.88
N GLY B 20 22.53 -27.09 17.85
CA GLY B 20 21.57 -26.63 18.84
C GLY B 20 20.47 -25.73 18.29
N LEU B 21 20.82 -24.86 17.33
CA LEU B 21 19.83 -23.98 16.74
C LEU B 21 18.86 -24.76 15.85
N THR B 22 19.39 -25.74 15.13
CA THR B 22 18.55 -26.57 14.27
C THR B 22 17.52 -27.28 15.15
N ALA B 23 17.97 -27.74 16.32
CA ALA B 23 17.12 -28.43 17.27
C ALA B 23 16.09 -27.49 17.88
N LEU B 24 16.49 -26.25 18.11
CA LEU B 24 15.60 -25.25 18.68
C LEU B 24 14.39 -25.00 17.80
N TYR B 25 14.64 -24.76 16.51
CA TYR B 25 13.56 -24.50 15.58
C TYR B 25 12.87 -25.73 15.07
N ASN B 26 13.37 -26.91 15.44
CA ASN B 26 12.75 -28.15 15.02
C ASN B 26 11.65 -28.57 16.00
N ASP B 27 11.52 -27.81 17.09
CA ASP B 27 10.49 -28.06 18.08
C ASP B 27 9.23 -27.41 17.54
N PRO B 28 8.23 -28.24 17.18
CA PRO B 28 6.95 -27.79 16.64
C PRO B 28 6.34 -26.60 17.36
N ALA B 29 6.46 -26.59 18.68
CA ALA B 29 5.91 -25.51 19.48
C ALA B 29 6.64 -24.19 19.24
N VAL B 30 7.92 -24.27 18.87
CA VAL B 30 8.73 -23.08 18.60
C VAL B 30 8.48 -22.65 17.15
N ALA B 31 8.63 -23.60 16.24
CA ALA B 31 8.44 -23.36 14.82
C ALA B 31 7.11 -22.71 14.45
N ARG B 32 6.01 -23.20 15.01
CA ARG B 32 4.70 -22.68 14.66
C ARG B 32 4.50 -21.20 14.94
N GLN B 33 5.26 -20.66 15.89
CA GLN B 33 5.15 -19.25 16.27
C GLN B 33 5.98 -18.28 15.44
N VAL B 34 6.70 -18.84 14.46
CA VAL B 34 7.50 -18.07 13.50
C VAL B 34 7.11 -18.65 12.13
N LEU B 35 8.03 -18.68 11.18
CA LEU B 35 7.66 -19.20 9.85
C LEU B 35 8.41 -20.44 9.39
N GLN B 36 9.13 -21.07 10.32
CA GLN B 36 9.92 -22.28 10.06
C GLN B 36 9.09 -23.55 9.87
N MET B 37 9.66 -24.50 9.14
CA MET B 37 9.04 -25.79 8.90
C MET B 37 9.76 -26.81 9.78
N PRO B 38 9.06 -27.87 10.20
CA PRO B 38 9.69 -28.89 11.04
C PRO B 38 10.67 -29.74 10.24
N TYR B 39 11.41 -30.59 10.93
CA TYR B 39 12.35 -31.48 10.28
C TYR B 39 13.38 -30.85 9.34
N GLN B 40 14.06 -29.81 9.82
CA GLN B 40 15.09 -29.17 9.01
C GLN B 40 16.36 -29.97 9.26
N SER B 41 17.29 -29.95 8.31
CA SER B 41 18.51 -30.72 8.51
C SER B 41 19.62 -29.86 9.06
N VAL B 42 20.47 -30.46 9.89
CA VAL B 42 21.60 -29.76 10.47
C VAL B 42 22.51 -29.29 9.34
N GLU B 43 22.68 -30.13 8.33
CA GLU B 43 23.55 -29.79 7.20
C GLU B 43 23.03 -28.69 6.27
N GLN B 44 21.72 -28.58 6.11
CA GLN B 44 21.15 -27.55 5.25
C GLN B 44 21.31 -26.21 5.95
N ARG B 45 21.26 -26.21 7.28
CA ARG B 45 21.44 -24.99 8.06
C ARG B 45 22.94 -24.63 8.13
N ARG B 46 23.79 -25.65 8.28
CA ARG B 46 25.23 -25.45 8.32
C ARG B 46 25.66 -24.79 7.00
N LYS B 47 24.97 -25.16 5.92
CA LYS B 47 25.24 -24.59 4.59
C LYS B 47 24.86 -23.12 4.56
N ARG B 48 23.58 -22.82 4.74
CA ARG B 48 23.10 -21.44 4.74
C ARG B 48 24.00 -20.56 5.60
N LEU B 49 24.64 -21.16 6.61
CA LEU B 49 25.55 -20.45 7.50
C LEU B 49 26.85 -20.11 6.79
N HIS B 50 27.51 -21.11 6.22
CA HIS B 50 28.76 -20.90 5.49
C HIS B 50 28.53 -20.12 4.18
N ASP B 51 27.27 -20.08 3.77
CA ASP B 51 26.90 -19.36 2.57
C ASP B 51 26.48 -17.95 2.93
N SER B 52 26.80 -17.54 4.16
CA SER B 52 26.46 -16.21 4.62
C SER B 52 27.60 -15.24 4.33
N ASP B 54 29.39 -13.05 3.45
CA ASP B 54 29.51 -12.58 4.82
C ASP B 54 29.14 -11.09 4.93
N ASP B 55 27.97 -10.84 5.50
CA ASP B 55 27.50 -9.47 5.67
C ASP B 55 27.22 -9.13 7.12
N ASP B 56 27.76 -7.98 7.56
CA ASP B 56 27.60 -7.52 8.93
C ASP B 56 26.27 -6.83 9.18
N ARG B 57 25.46 -6.71 8.13
CA ARG B 57 24.15 -6.07 8.26
C ARG B 57 23.13 -7.07 8.78
N LEU B 58 23.49 -8.36 8.75
CA LEU B 58 22.66 -9.43 9.26
C LEU B 58 23.34 -10.05 10.48
N LEU B 59 22.71 -9.87 11.64
CA LEU B 59 23.24 -10.38 12.88
C LEU B 59 22.33 -11.43 13.49
N ILE B 60 22.85 -12.63 13.73
CA ILE B 60 22.06 -13.70 14.33
C ILE B 60 22.68 -14.08 15.67
N LEU B 61 21.95 -13.85 16.76
CA LEU B 61 22.44 -14.18 18.09
C LEU B 61 21.77 -15.43 18.67
N VAL B 62 22.52 -16.21 19.46
CA VAL B 62 21.98 -17.39 20.12
C VAL B 62 22.13 -17.21 21.63
N ALA B 63 21.12 -17.64 22.39
CA ALA B 63 21.17 -17.55 23.85
C ALA B 63 21.64 -18.92 24.29
N LEU B 64 22.61 -18.95 25.21
CA LEU B 64 23.16 -20.22 25.66
C LEU B 64 23.08 -20.44 27.16
N HIS B 65 22.98 -21.71 27.52
CA HIS B 65 22.96 -22.15 28.92
C HIS B 65 23.77 -23.43 28.94
N GLN B 66 24.79 -23.48 29.82
CA GLN B 66 25.65 -24.66 29.91
C GLN B 66 26.03 -25.12 28.49
N GLY B 67 26.21 -24.16 27.59
CA GLY B 67 26.57 -24.49 26.21
C GLY B 67 25.43 -24.90 25.29
N ASP B 68 24.21 -24.99 25.82
CA ASP B 68 23.05 -25.38 25.01
C ASP B 68 22.27 -24.17 24.46
N VAL B 69 21.89 -24.27 23.18
CA VAL B 69 21.14 -23.19 22.54
C VAL B 69 19.69 -23.25 23.04
N ILE B 70 19.28 -22.22 23.78
CA ILE B 70 17.93 -22.15 24.32
C ILE B 70 17.11 -21.02 23.74
N GLY B 71 17.66 -20.34 22.75
CA GLY B 71 16.96 -19.24 22.12
C GLY B 71 17.74 -18.68 20.96
N SER B 72 17.10 -17.81 20.19
CA SER B 72 17.77 -17.20 19.06
C SER B 72 16.94 -16.02 18.52
N ALA B 73 17.62 -15.05 17.95
CA ALA B 73 16.98 -13.86 17.39
C ALA B 73 17.92 -13.25 16.35
N SER B 74 17.34 -12.53 15.40
CA SER B 74 18.15 -11.92 14.36
C SER B 74 17.70 -10.51 13.98
N LEU B 75 18.67 -9.71 13.53
CA LEU B 75 18.44 -8.33 13.09
C LEU B 75 19.13 -8.18 11.76
N GLU B 76 18.41 -7.67 10.77
CA GLU B 76 18.99 -7.48 9.45
C GLU B 76 18.64 -6.11 8.91
N GLN B 77 19.65 -5.29 8.66
CA GLN B 77 19.43 -3.96 8.12
C GLN B 77 18.98 -4.19 6.69
N HIS B 78 17.98 -3.43 6.24
CA HIS B 78 17.49 -3.60 4.89
C HIS B 78 18.59 -3.34 3.88
N PRO B 79 18.73 -4.21 2.86
CA PRO B 79 19.75 -4.08 1.83
C PRO B 79 19.56 -2.91 0.85
N ARG B 80 18.33 -2.42 0.69
CA ARG B 80 18.09 -1.31 -0.23
C ARG B 80 18.43 0.02 0.43
N ILE B 81 19.17 0.85 -0.29
CA ILE B 81 19.59 2.14 0.25
C ILE B 81 18.47 3.02 0.80
N ARG B 82 17.35 3.09 0.09
CA ARG B 82 16.24 3.92 0.56
C ARG B 82 15.47 3.32 1.73
N ARG B 83 15.86 2.12 2.16
CA ARG B 83 15.23 1.45 3.29
C ARG B 83 16.28 1.10 4.36
N SER B 84 17.54 1.40 4.07
CA SER B 84 18.65 1.08 4.96
C SER B 84 18.70 1.77 6.34
N HIS B 85 17.75 2.65 6.62
CA HIS B 85 17.69 3.32 7.92
C HIS B 85 16.86 2.41 8.83
N SER B 86 16.33 1.33 8.23
CA SER B 86 15.51 0.38 8.97
C SER B 86 16.11 -1.03 9.01
N GLY B 87 15.70 -1.77 10.02
CA GLY B 87 16.15 -3.14 10.17
C GLY B 87 14.95 -3.96 10.58
N SER B 88 15.03 -5.28 10.38
CA SER B 88 13.93 -6.15 10.74
C SER B 88 14.39 -7.29 11.61
N ILE B 89 13.57 -7.69 12.57
CA ILE B 89 13.92 -8.81 13.43
C ILE B 89 12.96 -9.97 13.14
N GLY B 90 12.30 -9.88 11.98
CA GLY B 90 11.38 -10.89 11.51
C GLY B 90 10.19 -11.21 12.40
N MET B 91 9.94 -12.50 12.63
CA MET B 91 8.86 -12.98 13.48
C MET B 91 9.23 -12.83 14.96
N GLY B 92 10.43 -12.30 15.18
CA GLY B 92 10.90 -12.08 16.54
C GLY B 92 11.86 -13.08 17.15
N VAL B 93 11.81 -13.10 18.48
CA VAL B 93 12.63 -13.95 19.31
C VAL B 93 12.07 -15.39 19.38
N ALA B 94 12.94 -16.38 19.22
CA ALA B 94 12.55 -17.78 19.30
C ALA B 94 13.21 -18.33 20.56
N VAL B 95 12.39 -18.63 21.56
CA VAL B 95 12.90 -19.15 22.83
C VAL B 95 12.31 -20.53 23.14
N ALA B 96 13.09 -21.35 23.84
CA ALA B 96 12.65 -22.68 24.23
C ALA B 96 12.23 -22.66 25.72
N TRP B 97 13.00 -21.90 26.48
CA TRP B 97 12.83 -21.68 27.94
C TRP B 97 11.97 -20.44 28.10
N GLN B 98 10.68 -20.47 27.83
CA GLN B 98 9.93 -19.23 27.98
C GLN B 98 9.80 -18.76 29.43
N GLY B 99 9.67 -17.44 29.58
CA GLY B 99 9.52 -16.84 30.89
C GLY B 99 10.73 -16.75 31.80
N LYS B 100 11.91 -17.13 31.32
CA LYS B 100 13.09 -17.05 32.18
C LYS B 100 14.06 -15.93 31.78
N GLY B 101 13.54 -14.90 31.10
CA GLY B 101 14.38 -13.78 30.71
C GLY B 101 15.17 -13.88 29.42
N VAL B 102 15.04 -14.98 28.68
CA VAL B 102 15.75 -15.16 27.43
C VAL B 102 15.27 -14.22 26.32
N GLY B 103 13.96 -14.09 26.15
CA GLY B 103 13.46 -13.19 25.12
C GLY B 103 13.95 -11.76 25.34
N SER B 104 14.01 -11.34 26.59
CA SER B 104 14.45 -9.98 26.93
C SER B 104 15.94 -9.81 26.72
N ARG B 105 16.70 -10.82 27.06
CA ARG B 105 18.13 -10.77 26.91
C ARG B 105 18.48 -10.61 25.42
N LEU B 106 17.81 -11.40 24.59
CA LEU B 106 18.02 -11.37 23.14
C LEU B 106 17.52 -10.09 22.50
N LEU B 107 16.31 -9.67 22.86
CA LEU B 107 15.73 -8.46 22.28
C LEU B 107 16.50 -7.21 22.69
N GLY B 108 16.90 -7.15 23.95
CA GLY B 108 17.64 -6.00 24.43
C GLY B 108 19.00 -5.87 23.76
N GLU B 109 19.67 -7.00 23.55
CA GLU B 109 20.97 -6.97 22.90
C GLU B 109 20.86 -6.55 21.43
N LEU B 110 19.86 -7.07 20.72
CA LEU B 110 19.67 -6.71 19.31
C LEU B 110 19.35 -5.23 19.15
N LEU B 111 18.54 -4.70 20.07
CA LEU B 111 18.14 -3.29 20.00
C LEU B 111 19.31 -2.39 20.34
N ASP B 112 20.23 -2.89 21.17
CA ASP B 112 21.42 -2.15 21.56
C ASP B 112 22.28 -1.93 20.31
N ILE B 113 22.44 -2.98 19.51
CA ILE B 113 23.20 -2.95 18.26
C ILE B 113 22.53 -1.98 17.26
N ALA B 114 21.22 -2.15 17.09
CA ALA B 114 20.45 -1.32 16.19
C ALA B 114 20.58 0.16 16.54
N ASP B 115 20.41 0.47 17.82
CA ASP B 115 20.48 1.84 18.32
C ASP B 115 21.88 2.45 18.33
N ASN B 116 22.76 1.82 19.10
CA ASN B 116 24.11 2.33 19.30
C ASN B 116 25.21 1.98 18.32
N TRP B 117 25.02 0.97 17.48
CA TRP B 117 26.08 0.61 16.55
C TRP B 117 25.71 0.76 15.09
N MET B 118 24.49 0.39 14.72
CA MET B 118 24.06 0.54 13.35
C MET B 118 23.38 1.88 13.18
N ASN B 119 22.91 2.44 14.29
CA ASN B 119 22.24 3.72 14.30
C ASN B 119 20.97 3.70 13.44
N LEU B 120 20.18 2.63 13.57
CA LEU B 120 18.95 2.50 12.81
C LEU B 120 17.83 3.39 13.35
N ARG B 121 17.01 3.92 12.46
CA ARG B 121 15.89 4.78 12.85
C ARG B 121 14.62 3.95 13.09
N ARG B 122 14.52 2.81 12.41
CA ARG B 122 13.32 1.98 12.49
C ARG B 122 13.63 0.48 12.56
N VAL B 123 12.98 -0.22 13.48
CA VAL B 123 13.14 -1.67 13.61
C VAL B 123 11.76 -2.30 13.46
N GLU B 124 11.61 -3.18 12.47
CA GLU B 124 10.34 -3.82 12.18
C GLU B 124 10.26 -5.29 12.58
N LEU B 125 9.05 -5.75 12.87
CA LEU B 125 8.83 -7.16 13.23
C LEU B 125 7.38 -7.52 12.97
N THR B 126 7.07 -8.82 12.93
CA THR B 126 5.70 -9.29 12.75
C THR B 126 5.45 -10.30 13.85
N VAL B 127 4.23 -10.36 14.32
CA VAL B 127 3.92 -11.28 15.40
C VAL B 127 2.49 -11.75 15.24
N TYR B 128 2.24 -13.02 15.51
CA TYR B 128 0.88 -13.55 15.40
C TYR B 128 0.00 -12.80 16.39
N THR B 129 -1.15 -12.34 15.93
CA THR B 129 -2.07 -11.57 16.77
C THR B 129 -2.48 -12.20 18.10
N ASP B 130 -2.42 -13.53 18.21
CA ASP B 130 -2.81 -14.19 19.46
C ASP B 130 -1.63 -14.58 20.35
N ASN B 131 -0.42 -14.21 19.95
CA ASN B 131 0.78 -14.52 20.72
C ASN B 131 0.90 -13.40 21.76
N ALA B 132 0.01 -13.42 22.75
CA ALA B 132 -0.02 -12.39 23.79
C ALA B 132 1.28 -12.23 24.55
N PRO B 133 1.97 -13.34 24.89
CA PRO B 133 3.24 -13.25 25.62
C PRO B 133 4.32 -12.52 24.83
N ALA B 134 4.41 -12.81 23.53
CA ALA B 134 5.39 -12.17 22.66
C ALA B 134 5.05 -10.69 22.50
N LEU B 135 3.77 -10.39 22.29
CA LEU B 135 3.31 -9.02 22.13
C LEU B 135 3.67 -8.16 23.34
N ALA B 136 3.49 -8.72 24.54
CA ALA B 136 3.81 -8.02 25.78
C ALA B 136 5.29 -7.70 25.85
N LEU B 137 6.11 -8.64 25.37
CA LEU B 137 7.56 -8.45 25.37
C LEU B 137 7.97 -7.32 24.41
N TYR B 138 7.47 -7.37 23.19
CA TYR B 138 7.83 -6.36 22.20
C TYR B 138 7.40 -4.95 22.60
N ARG B 139 6.19 -4.81 23.16
CA ARG B 139 5.70 -3.51 23.59
C ARG B 139 6.54 -2.97 24.73
N LYS B 140 7.04 -3.87 25.56
CA LYS B 140 7.88 -3.49 26.69
C LYS B 140 9.15 -2.84 26.15
N PHE B 141 9.57 -3.27 24.96
CA PHE B 141 10.77 -2.73 24.35
C PHE B 141 10.56 -1.59 23.36
N GLY B 142 9.36 -1.02 23.34
CA GLY B 142 9.07 0.11 22.48
C GLY B 142 8.35 -0.12 21.16
N PHE B 143 8.03 -1.38 20.86
CA PHE B 143 7.31 -1.65 19.61
C PHE B 143 5.85 -1.29 19.70
N GLU B 144 5.32 -0.80 18.61
CA GLU B 144 3.92 -0.43 18.53
C GLU B 144 3.33 -1.09 17.29
N THR B 145 2.04 -1.37 17.36
CA THR B 145 1.36 -2.01 16.24
C THR B 145 1.06 -0.96 15.19
N GLU B 146 1.44 -1.27 13.95
CA GLU B 146 1.23 -0.36 12.83
C GLU B 146 0.16 -0.88 11.89
N GLY B 147 -0.02 -2.19 11.87
CA GLY B 147 -1.01 -2.78 11.01
C GLY B 147 -1.35 -4.20 11.40
N GLU B 148 -2.46 -4.69 10.86
CA GLU B 148 -2.91 -6.05 11.12
C GLU B 148 -3.05 -6.70 9.75
N MET B 149 -2.36 -7.80 9.56
CA MET B 149 -2.39 -8.48 8.27
C MET B 149 -3.13 -9.80 8.31
N ARG B 150 -4.22 -9.85 7.57
CA ARG B 150 -5.11 -11.00 7.49
C ARG B 150 -4.56 -12.16 6.65
N ASP B 151 -4.75 -13.38 7.15
CA ASP B 151 -4.30 -14.59 6.47
C ASP B 151 -2.88 -14.41 5.97
N TYR B 152 -2.02 -13.91 6.86
CA TYR B 152 -0.63 -13.64 6.54
C TYR B 152 0.17 -14.92 6.35
N ALA B 153 0.02 -15.85 7.29
CA ALA B 153 0.76 -17.10 7.21
C ALA B 153 -0.05 -18.31 7.65
N VAL B 154 0.48 -19.48 7.32
CA VAL B 154 -0.12 -20.75 7.68
C VAL B 154 0.45 -21.17 9.04
N ARG B 155 -0.43 -21.61 9.91
CA ARG B 155 -0.08 -22.10 11.23
C ARG B 155 -1.19 -23.06 11.64
N ASP B 156 -0.82 -24.28 12.02
CA ASP B 156 -1.80 -25.29 12.42
C ASP B 156 -2.86 -25.55 11.34
N GLY B 157 -2.40 -25.65 10.09
CA GLY B 157 -3.30 -25.93 8.99
C GLY B 157 -4.32 -24.87 8.62
N ARG B 158 -4.09 -23.63 9.01
CA ARG B 158 -5.03 -22.56 8.66
C ARG B 158 -4.30 -21.23 8.56
N PHE B 159 -4.89 -20.28 7.84
CA PHE B 159 -4.28 -18.98 7.68
C PHE B 159 -4.55 -18.13 8.90
N VAL B 160 -3.50 -17.56 9.48
CA VAL B 160 -3.65 -16.73 10.67
C VAL B 160 -3.14 -15.30 10.44
N ASP B 161 -3.52 -14.39 11.32
CA ASP B 161 -3.11 -13.00 11.20
C ASP B 161 -1.89 -12.66 12.05
N VAL B 162 -1.18 -11.62 11.63
CA VAL B 162 -0.03 -11.16 12.38
C VAL B 162 -0.14 -9.64 12.53
N TYR B 163 0.46 -9.13 13.59
CA TYR B 163 0.50 -7.70 13.79
C TYR B 163 1.87 -7.30 13.25
N SER B 164 1.89 -6.17 12.56
CA SER B 164 3.12 -5.63 12.00
C SER B 164 3.51 -4.56 13.00
N MET B 165 4.70 -4.66 13.58
CA MET B 165 5.11 -3.68 14.58
C MET B 165 6.39 -2.98 14.21
N ALA B 166 6.60 -1.82 14.83
CA ALA B 166 7.80 -1.03 14.59
C ALA B 166 8.16 -0.26 15.85
N ARG B 167 9.45 0.00 15.98
CA ARG B 167 10.00 0.76 17.08
C ARG B 167 10.83 1.86 16.39
N LEU B 168 10.53 3.11 16.70
CA LEU B 168 11.26 4.22 16.11
C LEU B 168 12.22 4.81 17.12
N ARG B 169 13.36 5.28 16.64
CA ARG B 169 14.37 5.86 17.51
C ARG B 169 14.66 7.34 17.25
N SER C 5 -7.82 3.14 9.66
CA SER C 5 -8.68 3.26 10.89
C SER C 5 -10.16 3.10 10.53
N PRO C 6 -10.86 4.24 10.34
CA PRO C 6 -12.29 4.28 10.01
C PRO C 6 -12.69 3.67 8.65
N THR C 7 -13.62 2.71 8.71
CA THR C 7 -14.12 2.02 7.53
C THR C 7 -14.99 2.96 6.71
N ILE C 8 -14.71 3.08 5.41
CA ILE C 8 -15.51 3.94 4.56
C ILE C 8 -15.95 3.18 3.31
N ARG C 9 -17.25 3.20 3.04
CA ARG C 9 -17.84 2.51 1.89
C ARG C 9 -18.41 3.49 0.89
N LEU C 10 -18.33 3.15 -0.39
CA LEU C 10 -18.87 3.99 -1.44
C LEU C 10 -20.06 3.21 -2.00
N GLU C 11 -21.22 3.85 -1.98
CA GLU C 11 -22.42 3.23 -2.47
C GLU C 11 -23.14 4.21 -3.38
N ARG C 12 -23.83 3.66 -4.35
CA ARG C 12 -24.59 4.48 -5.27
C ARG C 12 -25.77 5.08 -4.49
N TYR C 13 -25.97 6.39 -4.62
CA TYR C 13 -27.05 7.09 -3.93
C TYR C 13 -28.46 6.55 -4.24
N SER C 14 -29.12 6.00 -3.22
CA SER C 14 -30.47 5.47 -3.40
C SER C 14 -31.39 5.89 -2.24
N GLU C 15 -32.62 5.39 -2.27
CA GLU C 15 -33.61 5.73 -1.26
C GLU C 15 -33.14 5.82 0.18
N ARG C 16 -32.47 4.78 0.65
CA ARG C 16 -32.02 4.76 2.03
C ARG C 16 -31.00 5.80 2.42
N HIS C 17 -30.52 6.60 1.47
CA HIS C 17 -29.50 7.61 1.78
C HIS C 17 -30.06 9.02 1.77
N VAL C 18 -31.27 9.18 1.24
CA VAL C 18 -31.88 10.49 1.14
C VAL C 18 -31.87 11.31 2.42
N GLU C 19 -32.10 10.67 3.57
CA GLU C 19 -32.09 11.43 4.82
C GLU C 19 -30.66 11.85 5.15
N GLY C 20 -29.72 10.93 4.99
CA GLY C 20 -28.33 11.23 5.28
C GLY C 20 -27.75 12.29 4.35
N LEU C 21 -28.08 12.19 3.06
CA LEU C 21 -27.57 13.16 2.10
C LEU C 21 -28.21 14.52 2.29
N THR C 22 -29.44 14.55 2.79
CA THR C 22 -30.11 15.81 3.03
C THR C 22 -29.42 16.52 4.19
N ALA C 23 -29.01 15.77 5.20
CA ALA C 23 -28.33 16.35 6.36
C ALA C 23 -26.91 16.85 5.97
N LEU C 24 -26.26 16.11 5.07
CA LEU C 24 -24.93 16.46 4.59
C LEU C 24 -24.97 17.87 4.01
N TYR C 25 -25.84 18.07 3.02
CA TYR C 25 -25.97 19.35 2.36
C TYR C 25 -26.67 20.44 3.17
N ASN C 26 -27.30 20.06 4.28
CA ASN C 26 -27.95 21.09 5.07
C ASN C 26 -26.98 21.66 6.10
N ASP C 27 -25.72 21.25 5.98
CA ASP C 27 -24.65 21.73 6.85
C ASP C 27 -24.04 22.89 6.06
N PRO C 28 -24.19 24.13 6.55
CA PRO C 28 -23.66 25.34 5.90
C PRO C 28 -22.22 25.24 5.43
N ALA C 29 -21.35 24.67 6.27
CA ALA C 29 -19.94 24.54 5.92
C ALA C 29 -19.74 23.73 4.65
N VAL C 30 -20.63 22.77 4.40
CA VAL C 30 -20.55 21.91 3.23
C VAL C 30 -21.20 22.56 2.01
N ALA C 31 -22.44 23.00 2.20
CA ALA C 31 -23.22 23.63 1.16
C ALA C 31 -22.61 24.92 0.61
N ARG C 32 -21.90 25.68 1.45
CA ARG C 32 -21.31 26.92 0.95
C ARG C 32 -20.18 26.72 -0.05
N GLN C 33 -19.53 25.55 -0.02
CA GLN C 33 -18.43 25.29 -0.95
C GLN C 33 -18.88 24.66 -2.27
N VAL C 34 -20.19 24.48 -2.40
CA VAL C 34 -20.79 23.97 -3.64
C VAL C 34 -21.87 24.98 -4.03
N LEU C 35 -22.93 24.54 -4.70
CA LEU C 35 -24.00 25.46 -5.10
C LEU C 35 -25.37 25.12 -4.50
N GLN C 36 -25.36 24.21 -3.53
CA GLN C 36 -26.59 23.79 -2.85
C GLN C 36 -27.14 24.84 -1.89
N MET C 37 -28.45 24.78 -1.67
CA MET C 37 -29.15 25.68 -0.76
C MET C 37 -29.40 24.94 0.57
N PRO C 38 -29.50 25.69 1.68
CA PRO C 38 -29.75 25.06 2.99
C PRO C 38 -31.22 24.65 3.15
N TYR C 39 -31.52 24.02 4.27
CA TYR C 39 -32.87 23.59 4.58
C TYR C 39 -33.61 22.90 3.45
N GLN C 40 -32.97 21.88 2.87
CA GLN C 40 -33.60 21.09 1.82
C GLN C 40 -34.47 20.08 2.55
N SER C 41 -35.56 19.66 1.92
CA SER C 41 -36.44 18.68 2.56
C SER C 41 -36.14 17.28 2.07
N VAL C 42 -36.04 16.33 3.01
CA VAL C 42 -35.78 14.94 2.64
C VAL C 42 -36.80 14.56 1.58
N GLU C 43 -37.95 15.23 1.64
CA GLU C 43 -39.03 15.00 0.69
C GLU C 43 -38.71 15.47 -0.72
N GLN C 44 -38.25 16.72 -0.85
CA GLN C 44 -37.92 17.27 -2.15
C GLN C 44 -36.87 16.40 -2.86
N ARG C 45 -35.87 15.96 -2.10
CA ARG C 45 -34.80 15.13 -2.65
C ARG C 45 -35.30 13.77 -3.06
N ARG C 46 -36.19 13.19 -2.26
CA ARG C 46 -36.74 11.88 -2.59
C ARG C 46 -37.57 12.04 -3.86
N LYS C 47 -38.04 13.26 -4.11
CA LYS C 47 -38.82 13.56 -5.31
C LYS C 47 -37.86 13.55 -6.50
N ARG C 48 -36.80 14.35 -6.40
CA ARG C 48 -35.78 14.44 -7.45
C ARG C 48 -35.15 13.08 -7.78
N LEU C 49 -34.83 12.32 -6.73
CA LEU C 49 -34.21 11.01 -6.90
C LEU C 49 -34.97 10.05 -7.83
N HIS C 50 -36.28 9.92 -7.64
CA HIS C 50 -37.07 9.04 -8.50
C HIS C 50 -37.31 9.68 -9.86
N ASP C 51 -37.42 11.01 -9.87
CA ASP C 51 -37.60 11.73 -11.12
C ASP C 51 -36.38 11.34 -11.95
N SER C 52 -35.24 11.28 -11.28
CA SER C 52 -33.98 10.89 -11.90
C SER C 52 -34.16 9.60 -12.70
N ASP C 54 -33.62 7.36 -15.19
CA ASP C 54 -33.02 6.08 -15.55
C ASP C 54 -31.99 6.29 -16.66
N ASP C 55 -30.93 7.01 -16.33
CA ASP C 55 -29.88 7.34 -17.29
C ASP C 55 -28.48 7.00 -16.78
N ASP C 56 -27.78 6.14 -17.51
CA ASP C 56 -26.42 5.71 -17.13
C ASP C 56 -25.38 6.81 -17.24
N ARG C 57 -25.82 7.99 -17.69
CA ARG C 57 -24.92 9.10 -17.83
C ARG C 57 -24.72 9.86 -16.55
N LEU C 58 -25.63 9.67 -15.60
CA LEU C 58 -25.51 10.34 -14.31
C LEU C 58 -25.28 9.34 -13.19
N LEU C 59 -24.15 9.51 -12.50
CA LEU C 59 -23.79 8.64 -11.38
C LEU C 59 -23.57 9.49 -10.14
N ILE C 60 -24.32 9.19 -9.09
CA ILE C 60 -24.19 9.92 -7.84
C ILE C 60 -23.78 8.90 -6.78
N LEU C 61 -22.70 9.19 -6.06
CA LEU C 61 -22.20 8.31 -5.00
C LEU C 61 -22.24 8.97 -3.64
N VAL C 62 -22.22 8.14 -2.61
CA VAL C 62 -22.23 8.61 -1.23
C VAL C 62 -21.15 7.85 -0.45
N ALA C 63 -20.41 8.57 0.39
CA ALA C 63 -19.37 7.94 1.22
C ALA C 63 -20.09 7.62 2.51
N LEU C 64 -19.96 6.39 2.98
CA LEU C 64 -20.65 5.97 4.20
C LEU C 64 -19.74 5.51 5.31
N HIS C 65 -20.05 5.97 6.53
CA HIS C 65 -19.29 5.55 7.69
C HIS C 65 -20.28 5.05 8.74
N GLN C 66 -20.23 3.74 9.01
CA GLN C 66 -21.13 3.14 9.99
C GLN C 66 -22.57 3.50 9.67
N GLY C 67 -22.92 3.41 8.39
CA GLY C 67 -24.28 3.70 7.96
C GLY C 67 -24.60 5.16 7.69
N ASP C 68 -23.85 6.09 8.28
CA ASP C 68 -24.11 7.51 8.08
C ASP C 68 -23.43 8.05 6.82
N VAL C 69 -24.13 8.92 6.10
CA VAL C 69 -23.59 9.53 4.89
C VAL C 69 -22.62 10.63 5.30
N ILE C 70 -21.34 10.48 4.96
CA ILE C 70 -20.33 11.47 5.30
C ILE C 70 -19.78 12.26 4.13
N GLY C 71 -20.32 12.02 2.95
CA GLY C 71 -19.84 12.74 1.78
C GLY C 71 -20.58 12.28 0.56
N SER C 72 -20.47 13.04 -0.52
CA SER C 72 -21.14 12.68 -1.75
C SER C 72 -20.48 13.36 -2.92
N ALA C 73 -20.65 12.78 -4.12
CA ALA C 73 -20.08 13.35 -5.34
C ALA C 73 -20.83 12.76 -6.52
N SER C 74 -20.89 13.48 -7.64
CA SER C 74 -21.58 12.99 -8.81
C SER C 74 -20.81 13.26 -10.08
N LEU C 75 -21.08 12.43 -11.09
CA LEU C 75 -20.46 12.53 -12.40
C LEU C 75 -21.55 12.39 -13.46
N GLU C 76 -21.58 13.31 -14.42
CA GLU C 76 -22.56 13.28 -15.48
C GLU C 76 -21.97 13.54 -16.85
N GLN C 77 -22.12 12.57 -17.74
CA GLN C 77 -21.65 12.69 -19.10
C GLN C 77 -22.54 13.72 -19.77
N HIS C 78 -21.96 14.63 -20.53
CA HIS C 78 -22.75 15.65 -21.20
C HIS C 78 -23.73 15.03 -22.20
N PRO C 79 -25.00 15.47 -22.18
CA PRO C 79 -26.06 14.98 -23.06
C PRO C 79 -25.94 15.28 -24.55
N ARG C 80 -25.22 16.33 -24.92
CA ARG C 80 -25.07 16.68 -26.33
C ARG C 80 -23.96 15.88 -26.99
N ILE C 81 -24.27 15.29 -28.14
CA ILE C 81 -23.30 14.46 -28.85
C ILE C 81 -21.92 15.07 -29.05
N ARG C 82 -21.83 16.31 -29.51
CA ARG C 82 -20.53 16.93 -29.73
C ARG C 82 -19.78 17.26 -28.43
N ARG C 83 -20.42 16.99 -27.30
CA ARG C 83 -19.83 17.24 -25.98
C ARG C 83 -19.80 15.97 -25.14
N SER C 84 -20.40 14.90 -25.64
CA SER C 84 -20.50 13.64 -24.89
C SER C 84 -19.18 12.94 -24.53
N HIS C 85 -18.07 13.42 -25.06
CA HIS C 85 -16.78 12.84 -24.73
C HIS C 85 -16.33 13.41 -23.38
N SER C 86 -17.10 14.37 -22.85
CA SER C 86 -16.77 14.99 -21.58
C SER C 86 -17.80 14.70 -20.51
N GLY C 87 -17.40 14.90 -19.26
CA GLY C 87 -18.28 14.68 -18.14
C GLY C 87 -18.00 15.74 -17.10
N SER C 88 -18.99 16.01 -16.25
CA SER C 88 -18.83 17.04 -15.23
C SER C 88 -19.15 16.52 -13.86
N ILE C 89 -18.35 16.94 -12.88
CA ILE C 89 -18.57 16.56 -11.50
C ILE C 89 -19.04 17.82 -10.78
N GLY C 90 -19.38 18.83 -11.57
CA GLY C 90 -19.88 20.09 -11.02
C GLY C 90 -18.91 20.84 -10.15
N MET C 91 -19.36 21.16 -8.93
CA MET C 91 -18.53 21.88 -7.96
C MET C 91 -17.62 20.91 -7.19
N GLY C 92 -17.62 19.65 -7.60
CA GLY C 92 -16.76 18.66 -6.96
C GLY C 92 -17.41 17.78 -5.91
N VAL C 93 -16.61 17.36 -4.94
CA VAL C 93 -17.08 16.51 -3.86
C VAL C 93 -17.49 17.31 -2.62
N ALA C 94 -18.58 16.87 -2.00
CA ALA C 94 -19.09 17.51 -0.79
C ALA C 94 -18.69 16.58 0.34
N VAL C 95 -17.88 17.08 1.26
CA VAL C 95 -17.41 16.26 2.35
C VAL C 95 -17.56 16.85 3.76
N ALA C 96 -18.13 16.04 4.65
CA ALA C 96 -18.34 16.45 6.03
C ALA C 96 -16.99 16.46 6.76
N TRP C 97 -16.23 15.37 6.62
CA TRP C 97 -14.91 15.20 7.24
C TRP C 97 -13.81 15.68 6.31
N GLN C 98 -13.22 16.84 6.59
CA GLN C 98 -12.15 17.32 5.71
C GLN C 98 -10.80 16.80 6.15
N GLY C 99 -10.02 16.36 5.16
CA GLY C 99 -8.68 15.83 5.43
C GLY C 99 -8.63 14.38 5.87
N LYS C 100 -9.76 13.71 5.97
CA LYS C 100 -9.78 12.31 6.41
C LYS C 100 -9.78 11.28 5.28
N GLY C 101 -9.55 11.75 4.05
CA GLY C 101 -9.51 10.86 2.90
C GLY C 101 -10.83 10.55 2.21
N VAL C 102 -11.92 11.18 2.64
CA VAL C 102 -13.23 10.93 2.03
C VAL C 102 -13.37 11.50 0.63
N GLY C 103 -12.83 12.70 0.39
CA GLY C 103 -12.92 13.28 -0.94
C GLY C 103 -12.06 12.51 -1.95
N SER C 104 -10.94 11.97 -1.49
CA SER C 104 -10.04 11.20 -2.34
C SER C 104 -10.72 9.92 -2.79
N ARG C 105 -11.44 9.28 -1.89
N ARG C 105 -11.45 9.30 -1.87
CA ARG C 105 -12.14 8.05 -2.22
CA ARG C 105 -12.16 8.07 -2.14
C ARG C 105 -13.21 8.32 -3.27
C ARG C 105 -13.25 8.26 -3.19
N LEU C 106 -14.12 9.24 -2.95
CA LEU C 106 -15.20 9.56 -3.87
C LEU C 106 -14.66 9.94 -5.24
N LEU C 107 -13.70 10.85 -5.27
CA LEU C 107 -13.13 11.30 -6.53
C LEU C 107 -12.43 10.19 -7.29
N GLY C 108 -11.70 9.34 -6.57
CA GLY C 108 -11.00 8.25 -7.21
C GLY C 108 -11.98 7.30 -7.86
N GLU C 109 -13.09 7.08 -7.18
CA GLU C 109 -14.12 6.18 -7.67
C GLU C 109 -14.74 6.72 -8.95
N LEU C 110 -15.12 8.00 -8.96
CA LEU C 110 -15.74 8.61 -10.13
C LEU C 110 -14.82 8.68 -11.32
N LEU C 111 -13.53 8.94 -11.08
CA LEU C 111 -12.56 9.00 -12.17
C LEU C 111 -12.35 7.62 -12.79
N ASP C 112 -12.53 6.59 -11.97
CA ASP C 112 -12.41 5.20 -12.41
C ASP C 112 -13.57 4.91 -13.37
N ILE C 113 -14.77 5.32 -12.98
CA ILE C 113 -15.97 5.16 -13.82
C ILE C 113 -15.81 5.93 -15.14
N ALA C 114 -15.38 7.18 -15.05
CA ALA C 114 -15.16 8.03 -16.22
C ALA C 114 -14.10 7.51 -17.18
N ASP C 115 -13.02 6.95 -16.64
CA ASP C 115 -11.91 6.45 -17.44
C ASP C 115 -12.11 5.05 -18.04
N ASN C 116 -12.41 4.09 -17.17
CA ASN C 116 -12.55 2.70 -17.56
C ASN C 116 -13.89 2.21 -18.05
N TRP C 117 -14.97 2.91 -17.72
CA TRP C 117 -16.28 2.46 -18.15
C TRP C 117 -16.91 3.39 -19.17
N MET C 118 -16.94 4.68 -18.87
CA MET C 118 -17.52 5.64 -19.80
C MET C 118 -16.49 6.02 -20.87
N ASN C 119 -15.22 5.81 -20.55
CA ASN C 119 -14.12 6.14 -21.45
C ASN C 119 -14.21 7.61 -21.89
N LEU C 120 -14.40 8.49 -20.91
CA LEU C 120 -14.48 9.91 -21.19
C LEU C 120 -13.07 10.45 -21.46
N ARG C 121 -12.99 11.49 -22.26
CA ARG C 121 -11.71 12.09 -22.58
C ARG C 121 -11.45 13.30 -21.69
N ARG C 122 -12.51 13.94 -21.23
CA ARG C 122 -12.42 15.15 -20.42
C ARG C 122 -13.40 15.12 -19.26
N VAL C 123 -12.92 15.54 -18.09
CA VAL C 123 -13.76 15.64 -16.88
C VAL C 123 -13.63 17.08 -16.37
N GLU C 124 -14.76 17.74 -16.22
CA GLU C 124 -14.81 19.14 -15.79
C GLU C 124 -15.32 19.35 -14.37
N LEU C 125 -14.91 20.46 -13.78
CA LEU C 125 -15.37 20.84 -12.45
C LEU C 125 -15.02 22.30 -12.19
N THR C 126 -15.67 22.87 -11.20
CA THR C 126 -15.41 24.25 -10.79
C THR C 126 -15.22 24.16 -9.29
N VAL C 127 -14.38 25.05 -8.75
CA VAL C 127 -14.09 25.09 -7.32
C VAL C 127 -13.83 26.54 -6.96
N TYR C 128 -14.26 26.97 -5.78
CA TYR C 128 -14.04 28.36 -5.39
C TYR C 128 -12.53 28.58 -5.27
N THR C 129 -12.08 29.76 -5.70
CA THR C 129 -10.65 30.09 -5.71
C THR C 129 -9.95 30.06 -4.37
N ASP C 130 -10.69 30.22 -3.27
CA ASP C 130 -10.09 30.22 -1.97
C ASP C 130 -10.28 28.90 -1.24
N ASN C 131 -10.84 27.91 -1.93
CA ASN C 131 -11.06 26.59 -1.34
C ASN C 131 -9.80 25.76 -1.52
N ALA C 132 -8.78 26.06 -0.71
CA ALA C 132 -7.48 25.39 -0.78
C ALA C 132 -7.49 23.86 -0.69
N PRO C 133 -8.19 23.28 0.32
CA PRO C 133 -8.24 21.82 0.48
C PRO C 133 -8.75 21.13 -0.78
N ALA C 134 -9.81 21.67 -1.35
CA ALA C 134 -10.41 21.11 -2.56
C ALA C 134 -9.44 21.20 -3.73
N LEU C 135 -8.80 22.35 -3.91
CA LEU C 135 -7.83 22.52 -4.98
C LEU C 135 -6.68 21.53 -4.87
N ALA C 136 -6.18 21.33 -3.65
CA ALA C 136 -5.08 20.40 -3.46
C ALA C 136 -5.57 19.01 -3.89
N LEU C 137 -6.79 18.66 -3.50
CA LEU C 137 -7.38 17.38 -3.84
C LEU C 137 -7.52 17.16 -5.34
N TYR C 138 -8.03 18.16 -6.06
CA TYR C 138 -8.23 18.03 -7.49
C TYR C 138 -6.93 17.98 -8.27
N ARG C 139 -5.97 18.82 -7.91
CA ARG C 139 -4.68 18.84 -8.58
C ARG C 139 -3.93 17.53 -8.41
N LYS C 140 -4.08 16.92 -7.26
CA LYS C 140 -3.48 15.62 -6.98
C LYS C 140 -3.94 14.58 -8.02
N PHE C 141 -5.22 14.64 -8.38
CA PHE C 141 -5.78 13.67 -9.33
C PHE C 141 -5.69 14.01 -10.81
N GLY C 142 -4.93 15.04 -11.17
CA GLY C 142 -4.78 15.36 -12.58
C GLY C 142 -5.51 16.57 -13.13
N PHE C 143 -6.33 17.21 -12.31
CA PHE C 143 -7.06 18.39 -12.78
C PHE C 143 -6.16 19.62 -12.83
N GLU C 144 -6.41 20.44 -13.84
CA GLU C 144 -5.65 21.65 -14.02
C GLU C 144 -6.57 22.81 -14.24
N THR C 145 -6.19 23.96 -13.71
CA THR C 145 -6.99 25.17 -13.87
C THR C 145 -6.93 25.56 -15.35
N GLU C 146 -8.11 25.83 -15.92
CA GLU C 146 -8.22 26.26 -17.31
C GLU C 146 -8.68 27.70 -17.38
N GLY C 147 -9.37 28.14 -16.33
CA GLY C 147 -9.87 29.50 -16.29
C GLY C 147 -10.30 29.90 -14.90
N GLU C 148 -10.49 31.20 -14.71
CA GLU C 148 -10.93 31.75 -13.43
C GLU C 148 -12.12 32.63 -13.72
N MET C 149 -13.27 32.23 -13.18
CA MET C 149 -14.50 32.96 -13.45
C MET C 149 -14.95 33.85 -12.30
N ARG C 150 -15.04 35.14 -12.62
CA ARG C 150 -15.43 36.15 -11.67
C ARG C 150 -16.92 36.28 -11.39
N ASP C 151 -17.25 36.51 -10.12
CA ASP C 151 -18.63 36.64 -9.66
C ASP C 151 -19.48 35.51 -10.25
N TYR C 152 -18.91 34.31 -10.25
CA TYR C 152 -19.56 33.13 -10.79
C TYR C 152 -20.77 32.70 -9.97
N ALA C 153 -20.67 32.77 -8.66
CA ALA C 153 -21.74 32.32 -7.80
C ALA C 153 -21.82 33.06 -6.48
N VAL C 154 -22.98 32.98 -5.85
CA VAL C 154 -23.21 33.60 -4.55
C VAL C 154 -22.74 32.67 -3.43
N ARG C 155 -21.98 33.24 -2.50
CA ARG C 155 -21.49 32.50 -1.36
C ARG C 155 -21.28 33.52 -0.25
N ASP C 156 -21.84 33.24 0.92
CA ASP C 156 -21.74 34.13 2.07
C ASP C 156 -22.30 35.52 1.74
N GLY C 157 -23.40 35.55 0.99
CA GLY C 157 -24.03 36.82 0.65
C GLY C 157 -23.31 37.73 -0.34
N ARG C 158 -22.43 37.17 -1.14
CA ARG C 158 -21.72 37.95 -2.12
C ARG C 158 -21.32 37.08 -3.30
N PHE C 159 -20.81 37.72 -4.34
CA PHE C 159 -20.37 37.02 -5.53
C PHE C 159 -18.90 36.64 -5.37
N VAL C 160 -18.60 35.36 -5.56
CA VAL C 160 -17.25 34.86 -5.42
C VAL C 160 -16.78 34.25 -6.74
N ASP C 161 -15.46 34.12 -6.88
CA ASP C 161 -14.86 33.56 -8.09
C ASP C 161 -14.63 32.06 -7.94
N VAL C 162 -14.53 31.38 -9.07
CA VAL C 162 -14.26 29.96 -9.08
C VAL C 162 -13.28 29.64 -10.20
N TYR C 163 -12.51 28.58 -10.02
CA TYR C 163 -11.57 28.12 -11.03
C TYR C 163 -12.30 27.07 -11.84
N SER C 164 -12.10 27.11 -13.14
CA SER C 164 -12.70 26.12 -14.03
C SER C 164 -11.55 25.14 -14.23
N MET C 165 -11.71 23.89 -13.78
CA MET C 165 -10.64 22.92 -13.96
C MET C 165 -11.04 21.76 -14.86
N ALA C 166 -10.04 21.06 -15.37
CA ALA C 166 -10.30 19.92 -16.25
C ALA C 166 -9.18 18.89 -16.20
N ARG C 167 -9.58 17.63 -16.33
CA ARG C 167 -8.66 16.52 -16.36
C ARG C 167 -8.83 15.84 -17.70
N LEU C 168 -7.78 15.83 -18.50
CA LEU C 168 -7.84 15.21 -19.82
C LEU C 168 -7.19 13.83 -19.79
N ARG C 169 -7.83 12.89 -20.47
CA ARG C 169 -7.31 11.54 -20.58
C ARG C 169 -7.13 11.24 -22.06
N ARG C 170 -5.99 11.66 -22.60
CA ARG C 170 -5.69 11.47 -24.00
C ARG C 170 -4.99 10.12 -24.24
#